data_2WUG
#
_entry.id   2WUG
#
_cell.length_a   111.883
_cell.length_b   117.971
_cell.length_c   180.893
_cell.angle_alpha   90.00
_cell.angle_beta   90.00
_cell.angle_gamma   90.00
#
_symmetry.space_group_name_H-M   'F 2 2 2'
#
loop_
_entity.id
_entity.type
_entity.pdbx_description
1 polymer '2-HYDROXY-6-OXO-6-PHENYLHEXA-2,4-DIENOATE HYDROLASE BPHD'
2 non-polymer (3E)-2,6-DIOXO-6-PHENYLHEX-3-ENOATE
3 non-polymer 'THIOCYANATE ION'
4 non-polymer GLYCEROL
5 water water
#
_entity_poly.entity_id   1
_entity_poly.type   'polypeptide(L)'
_entity_poly.pdbx_seq_one_letter_code
;MTATEELTFESTSRFAEVDVDGPLKLHYHEAGVGNDQTVVLLHGGGPGAASWTNFSRNIAVLARHFHVLAVDQPGYGHSD
KRAEHGQFNRYAAMALKGLFDQLGLGRVPLVGNALGGGTAVRFALDYPARAGRLVLMGPGGLSINLFAPDPTEGVKRLSK
FSVAPTRENLEAFLRVMVYDKNLITPELVDQRFALASTPESLTATRAMGKSFAGADFEAGMMWREVYRLRQPVLLIWGRE
DRVNPLDGALVALKTIPRAQLHVFGQCGHWVQVEKFDEFNKLTIEFLGGGR
;
_entity_poly.pdbx_strand_id   A,B
#
# COMPACT_ATOMS: atom_id res chain seq x y z
N LEU A 7 -2.86 18.67 3.35
CA LEU A 7 -3.55 18.58 2.06
C LEU A 7 -4.24 17.27 1.92
N THR A 8 -5.47 17.29 1.44
CA THR A 8 -6.20 16.10 1.22
C THR A 8 -6.77 16.09 -0.18
N PHE A 9 -7.24 14.93 -0.58
CA PHE A 9 -7.85 14.80 -1.86
C PHE A 9 -8.94 15.82 -1.98
N GLU A 10 -9.72 15.93 -0.93
CA GLU A 10 -10.90 16.77 -0.92
C GLU A 10 -10.60 18.28 -0.83
N SER A 11 -9.59 18.64 -0.06
CA SER A 11 -9.26 20.04 0.11
C SER A 11 -8.65 20.65 -1.14
N THR A 12 -7.98 19.83 -1.93
CA THR A 12 -7.29 20.31 -3.12
C THR A 12 -8.11 20.15 -4.39
N SER A 13 -9.19 19.37 -4.30
CA SER A 13 -10.02 19.09 -5.46
C SER A 13 -10.64 20.31 -6.11
N ARG A 14 -10.58 20.35 -7.45
CA ARG A 14 -11.19 21.43 -8.22
C ARG A 14 -11.75 20.83 -9.50
N PHE A 15 -12.70 21.55 -10.11
CA PHE A 15 -13.26 21.17 -11.40
C PHE A 15 -13.30 22.37 -12.32
N ALA A 16 -13.07 22.14 -13.60
CA ALA A 16 -13.22 23.18 -14.61
C ALA A 16 -13.92 22.60 -15.83
N GLU A 17 -14.72 23.40 -16.52
CA GLU A 17 -15.29 22.92 -17.77
C GLU A 17 -14.62 23.66 -18.91
N VAL A 18 -13.96 22.92 -19.79
CA VAL A 18 -13.31 23.52 -20.93
C VAL A 18 -13.98 23.05 -22.22
N ASP A 19 -13.59 23.64 -23.33
CA ASP A 19 -14.17 23.26 -24.62
C ASP A 19 -13.19 22.50 -25.47
N VAL A 20 -13.52 21.25 -25.75
CA VAL A 20 -12.78 20.43 -26.67
C VAL A 20 -13.85 19.72 -27.48
N ASP A 21 -14.20 20.31 -28.61
CA ASP A 21 -15.34 19.85 -29.37
C ASP A 21 -16.53 19.72 -28.43
N GLY A 22 -16.73 20.72 -27.58
CA GLY A 22 -17.83 20.70 -26.62
C GLY A 22 -17.33 20.61 -25.20
N PRO A 23 -18.22 20.87 -24.26
CA PRO A 23 -17.90 20.81 -22.85
C PRO A 23 -17.14 19.55 -22.45
N LEU A 24 -16.06 19.76 -21.71
CA LEU A 24 -15.23 18.68 -21.20
C LEU A 24 -14.87 19.03 -19.78
N LYS A 25 -15.29 18.19 -18.85
CA LYS A 25 -15.03 18.43 -17.44
C LYS A 25 -13.64 17.91 -17.06
N LEU A 26 -12.86 18.79 -16.46
CA LEU A 26 -11.53 18.40 -16.01
C LEU A 26 -11.47 18.54 -14.50
N HIS A 27 -11.02 17.49 -13.85
CA HIS A 27 -10.81 17.51 -12.41
C HIS A 27 -9.32 17.75 -12.20
N TYR A 28 -8.99 18.54 -11.19
CA TYR A 28 -7.58 18.73 -10.87
C TYR A 28 -7.43 19.01 -9.39
N HIS A 29 -6.17 19.04 -8.94
CA HIS A 29 -5.87 19.35 -7.56
C HIS A 29 -4.99 20.57 -7.54
N GLU A 30 -5.32 21.51 -6.66
CA GLU A 30 -4.59 22.74 -6.52
C GLU A 30 -4.01 22.86 -5.15
N ALA A 31 -2.75 23.29 -5.07
CA ALA A 31 -2.10 23.49 -3.79
C ALA A 31 -1.00 24.53 -3.93
N GLY A 32 -0.46 24.97 -2.80
CA GLY A 32 0.59 25.95 -2.80
C GLY A 32 0.12 27.29 -3.28
N VAL A 33 -1.18 27.53 -3.17
CA VAL A 33 -1.74 28.80 -3.55
C VAL A 33 -0.96 29.88 -2.80
N GLY A 34 -0.59 30.94 -3.48
CA GLY A 34 0.21 31.97 -2.84
C GLY A 34 1.69 31.84 -3.17
N ASN A 35 2.09 30.70 -3.70
CA ASN A 35 3.44 30.57 -4.25
C ASN A 35 3.50 31.22 -5.62
N ASP A 36 4.67 31.77 -5.93
CA ASP A 36 4.83 32.63 -7.09
C ASP A 36 4.77 31.88 -8.42
N GLN A 37 5.45 30.75 -8.50
CA GLN A 37 5.50 30.02 -9.76
C GLN A 37 4.55 28.82 -9.77
N THR A 38 3.71 28.79 -10.80
CA THR A 38 2.79 27.69 -11.02
C THR A 38 3.49 26.56 -11.77
N VAL A 39 3.15 25.33 -11.44
N VAL A 39 3.15 25.33 -11.44
CA VAL A 39 3.68 24.16 -12.12
CA VAL A 39 3.67 24.17 -12.14
C VAL A 39 2.53 23.20 -12.31
C VAL A 39 2.53 23.20 -12.31
N VAL A 40 2.43 22.62 -13.49
CA VAL A 40 1.34 21.71 -13.82
C VAL A 40 1.90 20.28 -13.82
N LEU A 41 1.22 19.37 -13.13
CA LEU A 41 1.65 17.97 -13.09
C LEU A 41 0.66 17.13 -13.88
N LEU A 42 1.19 16.24 -14.72
CA LEU A 42 0.37 15.36 -15.55
C LEU A 42 0.76 13.91 -15.31
N HIS A 43 -0.17 13.12 -14.81
CA HIS A 43 0.08 11.74 -14.39
C HIS A 43 0.13 10.75 -15.55
N GLY A 44 0.51 9.50 -15.25
CA GLY A 44 0.62 8.47 -16.28
C GLY A 44 -0.70 7.82 -16.66
N GLY A 45 -0.67 6.92 -17.64
CA GLY A 45 -1.89 6.35 -18.15
C GLY A 45 -2.23 4.94 -17.73
N GLY A 46 -1.68 4.50 -16.62
CA GLY A 46 -1.98 3.18 -16.12
C GLY A 46 -3.42 3.05 -15.66
N PRO A 47 -3.91 1.83 -15.58
CA PRO A 47 -5.29 1.59 -15.14
C PRO A 47 -5.51 2.11 -13.73
N GLY A 48 -6.54 2.95 -13.56
CA GLY A 48 -6.85 3.51 -12.28
C GLY A 48 -5.90 4.62 -11.86
N ALA A 49 -5.04 5.05 -12.76
CA ALA A 49 -4.11 6.13 -12.45
C ALA A 49 -4.84 7.45 -12.45
N ALA A 50 -4.41 8.37 -11.60
CA ALA A 50 -4.97 9.72 -11.56
C ALA A 50 -3.97 10.64 -10.86
N SER A 51 -4.27 11.93 -10.77
CA SER A 51 -3.30 12.86 -10.18
C SER A 51 -2.98 12.50 -8.74
N TRP A 52 -4.01 12.25 -7.94
CA TRP A 52 -3.76 12.01 -6.53
C TRP A 52 -3.04 10.69 -6.29
N THR A 53 -3.49 9.64 -6.96
CA THR A 53 -2.86 8.34 -6.82
C THR A 53 -1.38 8.43 -7.21
N ASN A 54 -1.10 9.07 -8.33
CA ASN A 54 0.24 9.17 -8.86
C ASN A 54 1.20 10.08 -8.09
N PHE A 55 0.69 11.22 -7.61
CA PHE A 55 1.53 12.27 -7.08
C PHE A 55 1.22 12.75 -5.66
N SER A 56 0.19 12.20 -5.02
CA SER A 56 -0.27 12.83 -3.76
C SER A 56 0.89 13.22 -2.84
N ARG A 57 1.83 12.31 -2.65
CA ARG A 57 2.92 12.61 -1.80
C ARG A 57 3.91 13.65 -2.39
N ASN A 58 4.24 13.58 -3.69
CA ASN A 58 5.05 14.62 -4.33
C ASN A 58 4.36 15.97 -4.28
N ILE A 59 3.04 15.97 -4.41
CA ILE A 59 2.27 17.22 -4.44
C ILE A 59 2.50 18.00 -3.15
N ALA A 60 2.45 17.31 -2.01
CA ALA A 60 2.70 17.97 -0.73
C ALA A 60 4.08 18.63 -0.69
N VAL A 61 5.09 17.95 -1.19
CA VAL A 61 6.44 18.50 -1.16
C VAL A 61 6.60 19.65 -2.14
N LEU A 62 6.12 19.47 -3.37
CA LEU A 62 6.27 20.53 -4.37
C LEU A 62 5.47 21.78 -3.99
N ALA A 63 4.37 21.57 -3.26
CA ALA A 63 3.50 22.69 -2.89
C ALA A 63 4.16 23.61 -1.87
N ARG A 64 5.28 23.17 -1.30
CA ARG A 64 6.07 24.04 -0.43
C ARG A 64 6.76 25.10 -1.24
N HIS A 65 6.98 24.81 -2.52
CA HIS A 65 7.79 25.66 -3.38
C HIS A 65 7.01 26.32 -4.50
N PHE A 66 5.97 25.63 -4.97
CA PHE A 66 5.28 26.05 -6.17
C PHE A 66 3.77 26.08 -5.94
N HIS A 67 3.08 26.76 -6.85
CA HIS A 67 1.63 26.65 -6.96
C HIS A 67 1.35 25.47 -7.87
N VAL A 68 0.86 24.39 -7.28
CA VAL A 68 0.78 23.11 -7.99
C VAL A 68 -0.62 22.89 -8.53
N LEU A 69 -0.70 22.59 -9.83
CA LEU A 69 -1.97 22.18 -10.45
C LEU A 69 -1.76 20.79 -11.02
N ALA A 70 -2.31 19.77 -10.35
CA ALA A 70 -2.14 18.40 -10.79
C ALA A 70 -3.46 18.00 -11.47
N VAL A 71 -3.39 17.83 -12.79
CA VAL A 71 -4.61 17.67 -13.59
C VAL A 71 -4.90 16.22 -13.93
N ASP A 72 -6.12 15.78 -13.66
CA ASP A 72 -6.55 14.47 -14.11
C ASP A 72 -6.76 14.58 -15.61
N GLN A 73 -5.99 13.81 -16.38
CA GLN A 73 -6.11 13.93 -17.83
C GLN A 73 -7.47 13.35 -18.23
N PRO A 74 -8.04 13.84 -19.34
CA PRO A 74 -9.33 13.27 -19.75
C PRO A 74 -9.19 11.77 -19.85
N GLY A 75 -10.19 11.03 -19.41
CA GLY A 75 -10.13 9.58 -19.41
C GLY A 75 -9.68 9.02 -18.06
N TYR A 76 -9.27 9.91 -17.16
CA TYR A 76 -8.72 9.46 -15.88
C TYR A 76 -9.29 10.20 -14.69
N GLY A 77 -9.19 9.55 -13.52
CA GLY A 77 -9.56 10.20 -12.28
C GLY A 77 -11.01 10.63 -12.30
N HIS A 78 -11.23 11.91 -12.07
CA HIS A 78 -12.57 12.47 -12.07
C HIS A 78 -12.83 13.41 -13.24
N SER A 79 -11.97 13.36 -14.24
CA SER A 79 -12.22 14.10 -15.47
C SER A 79 -13.17 13.29 -16.37
N ASP A 80 -13.80 13.96 -17.33
CA ASP A 80 -14.72 13.28 -18.25
C ASP A 80 -14.01 12.12 -18.94
N LYS A 81 -14.75 11.05 -19.17
CA LYS A 81 -14.20 9.86 -19.80
C LYS A 81 -14.96 9.54 -21.08
N ARG A 82 -14.67 10.31 -22.12
CA ARG A 82 -15.36 10.14 -23.38
C ARG A 82 -14.98 8.82 -24.01
N ALA A 83 -15.89 8.26 -24.79
CA ALA A 83 -15.64 7.00 -25.44
C ALA A 83 -14.93 7.18 -26.77
N GLU A 84 -14.83 8.43 -27.21
CA GLU A 84 -14.21 8.76 -28.49
C GLU A 84 -13.39 10.02 -28.40
N HIS A 85 -12.26 10.04 -29.12
CA HIS A 85 -11.44 11.23 -29.17
C HIS A 85 -10.30 11.01 -30.16
N GLY A 86 -9.57 12.07 -30.50
CA GLY A 86 -8.45 11.95 -31.41
C GLY A 86 -7.22 11.39 -30.70
N GLN A 87 -6.07 11.51 -31.34
CA GLN A 87 -4.82 11.04 -30.72
C GLN A 87 -4.79 11.59 -29.31
N PHE A 88 -4.56 10.71 -28.34
CA PHE A 88 -4.78 11.07 -26.95
C PHE A 88 -4.01 12.31 -26.48
N ASN A 89 -2.72 12.38 -26.79
CA ASN A 89 -1.94 13.49 -26.28
C ASN A 89 -2.38 14.83 -26.86
N ARG A 90 -2.79 14.83 -28.12
CA ARG A 90 -3.29 16.06 -28.73
C ARG A 90 -4.62 16.47 -28.10
N TYR A 91 -5.46 15.48 -27.85
CA TYR A 91 -6.76 15.66 -27.19
C TYR A 91 -6.57 16.22 -25.79
N ALA A 92 -5.72 15.56 -25.00
CA ALA A 92 -5.42 16.03 -23.65
C ALA A 92 -4.75 17.39 -23.67
N ALA A 93 -3.90 17.65 -24.66
CA ALA A 93 -3.23 18.96 -24.73
C ALA A 93 -4.24 20.07 -25.06
N MET A 94 -5.21 19.76 -25.93
CA MET A 94 -6.31 20.70 -26.19
C MET A 94 -7.10 21.02 -24.93
N ALA A 95 -7.37 20.01 -24.12
CA ALA A 95 -8.05 20.21 -22.86
C ALA A 95 -7.21 21.11 -21.94
N LEU A 96 -5.91 20.82 -21.87
CA LEU A 96 -5.01 21.62 -21.05
C LEU A 96 -4.96 23.07 -21.53
N LYS A 97 -4.97 23.29 -22.84
CA LYS A 97 -4.97 24.63 -23.38
C LYS A 97 -6.22 25.37 -22.91
N GLY A 98 -7.35 24.68 -22.95
CA GLY A 98 -8.60 25.21 -22.44
C GLY A 98 -8.48 25.61 -20.99
N LEU A 99 -7.82 24.77 -20.19
CA LEU A 99 -7.64 25.05 -18.77
C LEU A 99 -6.71 26.24 -18.52
N PHE A 100 -5.60 26.31 -19.26
CA PHE A 100 -4.69 27.44 -19.17
C PHE A 100 -5.46 28.74 -19.40
N ASP A 101 -6.23 28.78 -20.48
CA ASP A 101 -6.95 29.98 -20.87
C ASP A 101 -7.95 30.40 -19.79
N GLN A 102 -8.70 29.43 -19.31
CA GLN A 102 -9.68 29.67 -18.27
C GLN A 102 -9.07 30.14 -16.96
N LEU A 103 -7.92 29.60 -16.61
CA LEU A 103 -7.25 29.95 -15.36
C LEU A 103 -6.33 31.16 -15.50
N GLY A 104 -6.21 31.67 -16.72
CA GLY A 104 -5.35 32.81 -16.98
C GLY A 104 -3.87 32.53 -16.84
N LEU A 105 -3.47 31.31 -17.18
CA LEU A 105 -2.05 30.93 -17.14
C LEU A 105 -1.34 31.39 -18.40
N GLY A 106 -0.10 31.84 -18.25
CA GLY A 106 0.68 32.31 -19.36
C GLY A 106 1.59 31.20 -19.87
N ARG A 107 2.84 31.25 -19.46
CA ARG A 107 3.82 30.21 -19.81
C ARG A 107 4.19 29.52 -18.51
N VAL A 108 3.93 28.23 -18.43
CA VAL A 108 4.10 27.47 -17.20
C VAL A 108 4.90 26.17 -17.37
N PRO A 109 5.76 25.83 -16.42
CA PRO A 109 6.50 24.58 -16.54
C PRO A 109 5.58 23.39 -16.34
N LEU A 110 5.92 22.25 -16.94
CA LEU A 110 5.10 21.07 -16.81
C LEU A 110 5.93 19.87 -16.40
N VAL A 111 5.37 19.06 -15.51
CA VAL A 111 5.99 17.82 -15.05
C VAL A 111 5.07 16.70 -15.46
N GLY A 112 5.57 15.73 -16.22
CA GLY A 112 4.69 14.68 -16.71
C GLY A 112 5.35 13.33 -16.69
N ASN A 113 4.66 12.32 -16.20
CA ASN A 113 5.20 10.99 -16.32
C ASN A 113 4.46 10.15 -17.34
N ALA A 114 5.21 9.36 -18.08
CA ALA A 114 4.61 8.45 -19.06
C ALA A 114 3.64 9.15 -19.99
N LEU A 115 2.37 8.71 -20.01
CA LEU A 115 1.41 9.29 -20.93
C LEU A 115 1.31 10.82 -20.69
N GLY A 116 1.40 11.21 -19.43
CA GLY A 116 1.37 12.62 -19.06
C GLY A 116 2.60 13.38 -19.56
N GLY A 117 3.74 12.69 -19.64
CA GLY A 117 4.91 13.28 -20.28
C GLY A 117 4.63 13.51 -21.75
N GLY A 118 3.96 12.56 -22.39
CA GLY A 118 3.61 12.71 -23.80
C GLY A 118 2.70 13.90 -24.00
N THR A 119 1.74 14.05 -23.11
CA THR A 119 0.83 15.18 -23.18
C THR A 119 1.55 16.50 -22.96
N ALA A 120 2.48 16.53 -21.98
CA ALA A 120 3.24 17.74 -21.74
C ALA A 120 3.99 18.15 -23.00
N VAL A 121 4.63 17.18 -23.65
CA VAL A 121 5.37 17.47 -24.86
C VAL A 121 4.47 17.91 -26.01
N ARG A 122 3.34 17.23 -26.18
CA ARG A 122 2.41 17.58 -27.26
C ARG A 122 1.92 19.01 -27.07
N PHE A 123 1.67 19.36 -25.82
CA PHE A 123 1.25 20.71 -25.45
C PHE A 123 2.34 21.74 -25.78
N ALA A 124 3.58 21.42 -25.42
CA ALA A 124 4.70 22.32 -25.63
C ALA A 124 4.94 22.52 -27.12
N LEU A 125 4.60 21.52 -27.92
CA LEU A 125 4.76 21.64 -29.36
C LEU A 125 3.60 22.37 -30.02
N ASP A 126 2.39 22.09 -29.56
CA ASP A 126 1.18 22.68 -30.17
C ASP A 126 0.93 24.12 -29.73
N TYR A 127 1.32 24.45 -28.50
CA TYR A 127 1.10 25.79 -27.92
C TYR A 127 2.42 26.27 -27.34
N PRO A 128 3.39 26.53 -28.22
CA PRO A 128 4.80 26.69 -27.79
C PRO A 128 5.00 27.82 -26.81
N ALA A 129 4.19 28.87 -26.90
CA ALA A 129 4.34 30.04 -26.04
C ALA A 129 3.94 29.73 -24.61
N ARG A 130 3.16 28.66 -24.45
CA ARG A 130 2.52 28.38 -23.17
C ARG A 130 3.23 27.38 -22.26
N ALA A 131 4.20 26.66 -22.81
CA ALA A 131 4.92 25.71 -22.00
C ALA A 131 6.31 26.25 -21.64
N GLY A 132 6.64 26.18 -20.36
CA GLY A 132 7.95 26.57 -19.89
C GLY A 132 8.83 25.33 -19.84
N ARG A 133 9.72 25.27 -18.85
CA ARG A 133 10.59 24.12 -18.68
C ARG A 133 9.77 22.86 -18.50
N LEU A 134 10.29 21.74 -18.99
CA LEU A 134 9.62 20.47 -18.84
C LEU A 134 10.43 19.51 -18.02
N VAL A 135 9.76 18.78 -17.14
CA VAL A 135 10.35 17.66 -16.43
C VAL A 135 9.54 16.44 -16.83
N LEU A 136 10.18 15.46 -17.46
CA LEU A 136 9.49 14.32 -18.02
C LEU A 136 10.04 13.01 -17.50
N MET A 137 9.19 12.24 -16.83
N MET A 137 9.19 12.23 -16.84
CA MET A 137 9.62 10.97 -16.25
CA MET A 137 9.62 10.99 -16.23
C MET A 137 9.16 9.80 -17.08
C MET A 137 9.16 9.79 -17.06
N GLY A 138 10.12 9.02 -17.56
CA GLY A 138 9.81 7.91 -18.42
C GLY A 138 8.66 8.26 -19.35
N PRO A 139 8.78 9.38 -20.04
CA PRO A 139 7.69 9.89 -20.87
C PRO A 139 7.36 9.06 -22.09
N GLY A 140 6.08 8.99 -22.43
CA GLY A 140 5.68 8.46 -23.72
C GLY A 140 5.77 9.56 -24.75
N GLY A 141 5.49 9.23 -26.01
CA GLY A 141 5.39 10.26 -27.04
C GLY A 141 6.75 10.67 -27.63
N LEU A 142 7.59 11.29 -26.82
CA LEU A 142 8.92 11.65 -27.33
C LEU A 142 9.90 10.51 -27.24
N SER A 143 9.50 9.42 -26.58
CA SER A 143 10.36 8.26 -26.51
C SER A 143 10.18 7.41 -27.75
N ILE A 144 11.27 6.84 -28.22
CA ILE A 144 11.19 5.81 -29.23
C ILE A 144 12.22 4.77 -28.84
N ASN A 145 11.76 3.55 -28.62
CA ASN A 145 12.60 2.49 -28.04
C ASN A 145 13.54 1.90 -29.06
N LEU A 146 14.74 2.46 -29.17
CA LEU A 146 15.65 2.05 -30.23
C LEU A 146 16.07 0.59 -30.19
N PHE A 147 16.05 0.00 -28.99
CA PHE A 147 16.46 -1.40 -28.83
C PHE A 147 15.32 -2.32 -28.40
N ALA A 148 14.42 -1.84 -27.54
CA ALA A 148 13.35 -2.71 -26.99
C ALA A 148 12.29 -2.98 -28.04
N PRO A 149 12.00 -4.26 -28.31
CA PRO A 149 10.87 -4.57 -29.19
C PRO A 149 9.55 -3.98 -28.63
N ASP A 150 8.73 -3.40 -29.51
CA ASP A 150 7.41 -2.89 -29.10
C ASP A 150 6.30 -3.84 -29.55
N PRO A 151 5.25 -4.00 -28.74
CA PRO A 151 5.03 -3.36 -27.45
C PRO A 151 5.92 -3.96 -26.40
N THR A 152 6.40 -3.11 -25.48
CA THR A 152 7.18 -3.56 -24.34
C THR A 152 6.35 -4.39 -23.38
N GLU A 153 7.03 -5.05 -22.45
CA GLU A 153 6.39 -5.81 -21.39
C GLU A 153 5.31 -5.01 -20.68
N GLY A 154 5.61 -3.78 -20.28
CA GLY A 154 4.65 -2.92 -19.63
C GLY A 154 3.42 -2.60 -20.46
N VAL A 155 3.64 -2.28 -21.74
CA VAL A 155 2.52 -1.94 -22.61
C VAL A 155 1.64 -3.18 -22.82
N LYS A 156 2.27 -4.32 -23.00
CA LYS A 156 1.49 -5.53 -23.16
C LYS A 156 0.63 -5.80 -21.94
N ARG A 157 1.21 -5.66 -20.76
CA ARG A 157 0.43 -5.92 -19.56
C ARG A 157 -0.75 -4.99 -19.41
N LEU A 158 -0.60 -3.74 -19.83
CA LEU A 158 -1.70 -2.80 -19.79
C LEU A 158 -2.79 -3.22 -20.77
N SER A 159 -2.38 -3.63 -21.96
CA SER A 159 -3.35 -4.07 -22.95
C SER A 159 -4.10 -5.30 -22.45
N LYS A 160 -3.38 -6.23 -21.88
CA LYS A 160 -4.01 -7.46 -21.38
C LYS A 160 -5.07 -7.18 -20.32
N PHE A 161 -4.75 -6.29 -19.37
CA PHE A 161 -5.75 -5.88 -18.41
C PHE A 161 -6.97 -5.26 -19.09
N SER A 162 -6.73 -4.42 -20.10
CA SER A 162 -7.85 -3.70 -20.70
C SER A 162 -8.79 -4.67 -21.41
N VAL A 163 -8.26 -5.81 -21.82
CA VAL A 163 -9.04 -6.86 -22.48
C VAL A 163 -9.65 -7.83 -21.48
N ALA A 164 -8.94 -8.04 -20.38
CA ALA A 164 -9.33 -9.00 -19.34
C ALA A 164 -9.06 -8.37 -17.99
N PRO A 165 -9.98 -7.50 -17.54
CA PRO A 165 -9.78 -6.68 -16.34
C PRO A 165 -9.95 -7.48 -15.07
N THR A 166 -8.96 -8.32 -14.77
CA THR A 166 -8.98 -9.13 -13.56
C THR A 166 -7.95 -8.60 -12.56
N ARG A 167 -8.16 -8.91 -11.29
CA ARG A 167 -7.23 -8.49 -10.25
C ARG A 167 -5.84 -9.03 -10.55
N GLU A 168 -5.79 -10.26 -11.01
CA GLU A 168 -4.54 -10.91 -11.32
C GLU A 168 -3.81 -10.16 -12.42
N ASN A 169 -4.53 -9.78 -13.47
CA ASN A 169 -3.90 -9.03 -14.55
C ASN A 169 -3.45 -7.63 -14.12
N LEU A 170 -4.21 -7.00 -13.23
CA LEU A 170 -3.83 -5.69 -12.74
C LEU A 170 -2.56 -5.82 -11.92
N GLU A 171 -2.50 -6.82 -11.04
CA GLU A 171 -1.31 -7.00 -10.23
C GLU A 171 -0.11 -7.25 -11.14
N ALA A 172 -0.29 -8.02 -12.18
CA ALA A 172 0.80 -8.29 -13.13
C ALA A 172 1.33 -6.99 -13.74
N PHE A 173 0.42 -6.12 -14.15
CA PHE A 173 0.81 -4.81 -14.68
C PHE A 173 1.60 -3.99 -13.64
N LEU A 174 1.08 -3.90 -12.43
CA LEU A 174 1.73 -3.09 -11.39
C LEU A 174 3.14 -3.59 -11.09
N ARG A 175 3.33 -4.89 -11.12
CA ARG A 175 4.64 -5.45 -10.77
C ARG A 175 5.74 -5.02 -11.76
N VAL A 176 5.36 -4.71 -13.00
CA VAL A 176 6.37 -4.15 -13.92
C VAL A 176 6.47 -2.63 -13.93
N MET A 177 5.84 -1.98 -12.96
CA MET A 177 5.97 -0.52 -12.83
C MET A 177 7.10 -0.15 -11.90
N VAL A 178 7.61 -1.13 -11.15
CA VAL A 178 8.57 -0.86 -10.09
C VAL A 178 9.75 -1.83 -10.13
N TYR A 179 10.88 -1.38 -9.61
CA TYR A 179 12.04 -2.25 -9.40
C TYR A 179 11.83 -3.09 -8.15
N ASP A 180 11.42 -2.45 -7.06
CA ASP A 180 11.12 -3.16 -5.80
C ASP A 180 9.68 -3.64 -5.77
N LYS A 181 9.49 -4.93 -6.08
CA LYS A 181 8.14 -5.44 -6.24
C LYS A 181 7.41 -5.52 -4.90
N ASN A 182 8.15 -5.36 -3.80
CA ASN A 182 7.51 -5.31 -2.49
C ASN A 182 6.59 -4.12 -2.34
N LEU A 183 6.73 -3.14 -3.25
CA LEU A 183 5.87 -1.97 -3.22
C LEU A 183 4.45 -2.30 -3.68
N ILE A 184 4.32 -3.42 -4.40
CA ILE A 184 3.02 -3.80 -4.92
C ILE A 184 2.32 -4.65 -3.87
N THR A 185 1.70 -3.98 -2.92
CA THR A 185 1.05 -4.62 -1.79
C THR A 185 -0.37 -5.05 -2.15
N PRO A 186 -0.93 -5.96 -1.37
CA PRO A 186 -2.31 -6.38 -1.62
C PRO A 186 -3.25 -5.17 -1.58
N GLU A 187 -2.98 -4.24 -0.66
CA GLU A 187 -3.80 -3.05 -0.55
C GLU A 187 -3.72 -2.16 -1.80
N LEU A 188 -2.51 -2.00 -2.32
CA LEU A 188 -2.35 -1.20 -3.52
C LEU A 188 -3.10 -1.85 -4.66
N VAL A 189 -2.95 -3.15 -4.80
CA VAL A 189 -3.61 -3.88 -5.86
C VAL A 189 -5.13 -3.72 -5.75
N ASP A 190 -5.65 -3.96 -4.57
CA ASP A 190 -7.09 -3.89 -4.35
C ASP A 190 -7.61 -2.49 -4.68
N GLN A 191 -6.91 -1.48 -4.19
CA GLN A 191 -7.29 -0.08 -4.44
C GLN A 191 -7.27 0.31 -5.91
N ARG A 192 -6.24 -0.03 -6.62
N ARG A 192 -6.20 -0.04 -6.61
CA ARG A 192 -6.11 0.28 -8.02
CA ARG A 192 -6.10 0.27 -8.02
C ARG A 192 -7.14 -0.48 -8.86
C ARG A 192 -7.13 -0.48 -8.86
N PHE A 193 -7.41 -1.72 -8.47
CA PHE A 193 -8.38 -2.55 -9.19
C PHE A 193 -9.79 -1.96 -9.10
N ALA A 194 -10.17 -1.50 -7.92
CA ALA A 194 -11.50 -0.90 -7.73
C ALA A 194 -11.67 0.28 -8.68
N LEU A 195 -10.61 1.06 -8.86
CA LEU A 195 -10.66 2.24 -9.74
C LEU A 195 -10.57 1.85 -11.21
N ALA A 196 -9.69 0.89 -11.52
CA ALA A 196 -9.41 0.56 -12.92
C ALA A 196 -10.53 -0.24 -13.58
N SER A 197 -11.31 -0.97 -12.78
CA SER A 197 -12.27 -1.91 -13.36
C SER A 197 -13.69 -1.37 -13.50
N THR A 198 -13.89 -0.08 -13.22
CA THR A 198 -15.21 0.53 -13.46
C THR A 198 -15.48 0.61 -14.95
N PRO A 199 -16.77 0.69 -15.33
CA PRO A 199 -17.17 0.74 -16.74
C PRO A 199 -16.55 1.92 -17.48
N GLU A 200 -16.62 3.09 -16.86
CA GLU A 200 -16.10 4.32 -17.47
C GLU A 200 -14.61 4.27 -17.74
N SER A 201 -13.89 3.70 -16.79
CA SER A 201 -12.43 3.55 -16.87
C SER A 201 -12.01 2.57 -17.97
N LEU A 202 -12.69 1.46 -18.08
CA LEU A 202 -12.33 0.50 -19.10
C LEU A 202 -12.59 1.12 -20.47
N THR A 203 -13.70 1.78 -20.60
CA THR A 203 -14.07 2.59 -21.75
C THR A 203 -13.02 3.57 -22.15
N ALA A 204 -12.56 4.35 -21.19
CA ALA A 204 -11.54 5.32 -21.44
C ALA A 204 -10.27 4.62 -21.89
N THR A 205 -9.80 3.62 -21.16
N THR A 205 -9.80 3.62 -21.17
CA THR A 205 -8.51 3.00 -21.48
CA THR A 205 -8.49 3.02 -21.49
C THR A 205 -8.43 2.54 -22.92
C THR A 205 -8.42 2.56 -22.95
N ARG A 206 -9.47 1.87 -23.35
CA ARG A 206 -9.65 1.42 -24.72
C ARG A 206 -9.51 2.56 -25.71
N ALA A 207 -10.26 3.63 -25.47
CA ALA A 207 -10.24 4.78 -26.36
C ALA A 207 -8.85 5.36 -26.45
N MET A 208 -8.11 5.31 -25.36
CA MET A 208 -6.77 5.87 -25.33
C MET A 208 -5.80 5.07 -26.19
N GLY A 209 -5.67 3.79 -25.92
CA GLY A 209 -4.77 2.95 -26.69
C GLY A 209 -5.07 3.02 -28.18
N LYS A 210 -6.35 2.97 -28.53
CA LYS A 210 -6.67 2.96 -29.93
C LYS A 210 -6.41 4.30 -30.64
N SER A 211 -6.52 5.40 -29.90
CA SER A 211 -6.25 6.72 -30.47
C SER A 211 -4.85 6.92 -31.03
N PHE A 212 -3.90 6.09 -30.62
CA PHE A 212 -2.54 6.21 -31.12
C PHE A 212 -2.42 5.63 -32.53
N ALA A 213 -3.44 4.91 -32.97
CA ALA A 213 -3.41 4.31 -34.30
C ALA A 213 -4.44 4.92 -35.25
N GLY A 214 -4.99 6.06 -34.86
CA GLY A 214 -5.98 6.75 -35.69
C GLY A 214 -5.31 7.54 -36.80
N ALA A 215 -6.10 8.36 -37.49
CA ALA A 215 -5.61 9.10 -38.65
C ALA A 215 -4.53 10.13 -38.35
N ASP A 216 -4.55 10.61 -37.13
CA ASP A 216 -3.62 11.60 -36.62
C ASP A 216 -2.54 10.94 -35.77
N PHE A 217 -2.18 9.72 -36.07
CA PHE A 217 -1.21 8.98 -35.27
C PHE A 217 0.13 9.69 -35.21
N GLU A 218 0.46 10.46 -36.25
CA GLU A 218 1.77 11.15 -36.26
C GLU A 218 1.93 12.10 -35.09
N ALA A 219 0.80 12.60 -34.58
CA ALA A 219 0.84 13.48 -33.41
C ALA A 219 1.46 12.77 -32.21
N GLY A 220 1.40 11.44 -32.21
CA GLY A 220 2.01 10.67 -31.12
C GLY A 220 3.50 10.43 -31.29
N MET A 221 4.04 10.71 -32.48
CA MET A 221 5.45 10.39 -32.77
C MET A 221 6.34 11.59 -32.50
N MET A 222 6.38 12.01 -31.24
CA MET A 222 6.94 13.32 -30.93
C MET A 222 8.45 13.37 -31.00
N TRP A 223 9.08 12.22 -31.03
CA TRP A 223 10.52 12.18 -31.20
C TRP A 223 10.92 12.81 -32.53
N ARG A 224 9.97 12.97 -33.44
CA ARG A 224 10.23 13.60 -34.73
C ARG A 224 10.22 15.12 -34.65
N GLU A 225 9.73 15.65 -33.54
CA GLU A 225 9.44 17.08 -33.48
C GLU A 225 10.19 17.81 -32.37
N VAL A 226 10.68 17.08 -31.37
CA VAL A 226 11.19 17.76 -30.18
C VAL A 226 12.48 18.56 -30.42
N TYR A 227 13.11 18.37 -31.57
CA TYR A 227 14.24 19.25 -31.92
C TYR A 227 13.78 20.71 -31.98
N ARG A 228 12.46 20.92 -32.04
N ARG A 228 12.46 20.92 -32.04
CA ARG A 228 11.90 22.27 -32.09
CA ARG A 228 11.89 22.26 -32.10
C ARG A 228 11.72 22.90 -30.71
C ARG A 228 11.72 22.90 -30.72
N LEU A 229 11.84 22.12 -29.65
CA LEU A 229 11.65 22.63 -28.30
C LEU A 229 12.80 23.57 -27.93
N ARG A 230 12.46 24.75 -27.44
CA ARG A 230 13.48 25.74 -27.11
C ARG A 230 13.80 25.82 -25.62
N GLN A 231 12.94 25.24 -24.79
CA GLN A 231 13.17 25.30 -23.34
C GLN A 231 14.09 24.22 -22.81
N PRO A 232 14.68 24.45 -21.61
CA PRO A 232 15.36 23.34 -20.95
C PRO A 232 14.37 22.21 -20.69
N VAL A 233 14.84 20.98 -20.84
CA VAL A 233 13.98 19.82 -20.61
C VAL A 233 14.78 18.82 -19.81
N LEU A 234 14.25 18.42 -18.65
CA LEU A 234 14.91 17.41 -17.84
C LEU A 234 14.18 16.08 -18.00
N LEU A 235 14.85 15.15 -18.66
CA LEU A 235 14.38 13.78 -18.80
C LEU A 235 14.82 13.02 -17.58
N ILE A 236 13.88 12.35 -16.92
CA ILE A 236 14.22 11.53 -15.76
C ILE A 236 13.77 10.10 -16.00
N TRP A 237 14.68 9.15 -15.81
CA TRP A 237 14.36 7.76 -16.09
C TRP A 237 14.80 6.82 -14.98
N GLY A 238 13.97 5.82 -14.72
CA GLY A 238 14.39 4.67 -13.92
C GLY A 238 15.16 3.70 -14.83
N ARG A 239 16.34 3.30 -14.40
CA ARG A 239 17.17 2.42 -15.23
C ARG A 239 16.39 1.16 -15.56
N GLU A 240 15.55 0.72 -14.63
CA GLU A 240 14.82 -0.53 -14.81
C GLU A 240 13.37 -0.34 -15.30
N ASP A 241 13.08 0.80 -15.96
CA ASP A 241 11.74 1.06 -16.49
C ASP A 241 11.38 -0.01 -17.54
N ARG A 242 10.30 -0.75 -17.29
CA ARG A 242 9.90 -1.82 -18.20
C ARG A 242 8.71 -1.43 -19.07
N VAL A 243 8.22 -0.21 -18.90
CA VAL A 243 7.13 0.30 -19.73
C VAL A 243 7.68 1.14 -20.90
N ASN A 244 8.43 2.18 -20.56
CA ASN A 244 9.13 3.02 -21.52
C ASN A 244 10.60 2.93 -21.15
N PRO A 245 11.31 1.95 -21.73
CA PRO A 245 12.65 1.65 -21.24
C PRO A 245 13.64 2.75 -21.60
N LEU A 246 14.79 2.68 -20.96
CA LEU A 246 15.81 3.72 -21.06
C LEU A 246 16.29 4.03 -22.48
N ASP A 247 16.35 3.04 -23.36
CA ASP A 247 16.74 3.33 -24.74
C ASP A 247 15.81 4.35 -25.42
N GLY A 248 14.61 4.54 -24.86
CA GLY A 248 13.65 5.47 -25.38
C GLY A 248 14.03 6.93 -25.18
N ALA A 249 15.04 7.16 -24.34
CA ALA A 249 15.46 8.52 -24.01
C ALA A 249 16.38 9.16 -25.05
N LEU A 250 16.98 8.32 -25.89
CA LEU A 250 18.15 8.79 -26.66
C LEU A 250 17.90 9.83 -27.75
N VAL A 251 16.80 9.67 -28.51
CA VAL A 251 16.55 10.64 -29.56
C VAL A 251 16.24 12.02 -28.97
N ALA A 252 15.41 12.03 -27.93
CA ALA A 252 15.08 13.28 -27.23
C ALA A 252 16.34 13.94 -26.63
N LEU A 253 17.17 13.13 -25.98
CA LEU A 253 18.41 13.67 -25.39
C LEU A 253 19.30 14.28 -26.46
N LYS A 254 19.42 13.61 -27.59
CA LYS A 254 20.25 14.12 -28.70
C LYS A 254 19.70 15.39 -29.33
N THR A 255 18.38 15.46 -29.53
CA THR A 255 17.82 16.48 -30.43
C THR A 255 17.21 17.69 -29.74
N ILE A 256 16.89 17.57 -28.45
CA ILE A 256 16.37 18.74 -27.73
C ILE A 256 17.59 19.56 -27.31
N PRO A 257 17.73 20.79 -27.85
CA PRO A 257 19.00 21.52 -27.64
C PRO A 257 19.39 21.65 -26.16
N ARG A 258 18.41 21.95 -25.30
CA ARG A 258 18.72 22.22 -23.91
C ARG A 258 18.27 21.06 -22.99
N ALA A 259 18.39 19.85 -23.51
CA ALA A 259 18.03 18.67 -22.75
C ALA A 259 19.05 18.35 -21.63
N GLN A 260 18.55 17.74 -20.55
CA GLN A 260 19.40 17.02 -19.61
C GLN A 260 18.72 15.67 -19.36
N LEU A 261 19.50 14.69 -18.93
CA LEU A 261 18.95 13.39 -18.59
C LEU A 261 19.46 12.98 -17.22
N HIS A 262 18.56 12.48 -16.38
CA HIS A 262 19.01 11.84 -15.13
C HIS A 262 18.47 10.44 -15.06
N VAL A 263 19.34 9.48 -14.84
CA VAL A 263 18.91 8.08 -14.71
C VAL A 263 19.20 7.58 -13.30
N PHE A 264 18.22 6.92 -12.71
CA PHE A 264 18.40 6.30 -11.39
C PHE A 264 18.48 4.79 -11.51
N GLY A 265 19.60 4.21 -11.05
CA GLY A 265 19.68 2.78 -10.94
C GLY A 265 18.76 2.29 -9.81
N GLN A 266 18.27 1.07 -9.95
CA GLN A 266 17.42 0.44 -8.94
C GLN A 266 16.10 1.20 -8.80
N CYS A 267 15.51 1.43 -9.95
CA CYS A 267 14.30 2.22 -10.05
C CYS A 267 13.56 1.81 -11.30
N GLY A 268 12.26 1.61 -11.17
CA GLY A 268 11.41 1.29 -12.29
C GLY A 268 10.71 2.48 -12.90
N HIS A 269 9.55 2.24 -13.50
CA HIS A 269 8.79 3.27 -14.17
C HIS A 269 8.32 4.39 -13.23
N TRP A 270 7.95 4.03 -12.01
CA TRP A 270 7.47 5.00 -11.04
C TRP A 270 8.59 5.72 -10.30
N VAL A 271 9.37 6.52 -11.01
CA VAL A 271 10.48 7.25 -10.41
C VAL A 271 9.99 8.11 -9.25
N GLN A 272 8.79 8.70 -9.40
CA GLN A 272 8.29 9.63 -8.37
C GLN A 272 7.95 8.91 -7.08
N VAL A 273 7.83 7.58 -7.15
CA VAL A 273 7.62 6.77 -5.96
C VAL A 273 8.91 6.14 -5.44
N GLU A 274 9.62 5.44 -6.32
CA GLU A 274 10.78 4.69 -5.88
C GLU A 274 11.99 5.56 -5.56
N LYS A 275 12.06 6.73 -6.17
CA LYS A 275 13.14 7.67 -5.88
C LYS A 275 12.51 9.01 -5.51
N PHE A 276 11.48 8.91 -4.66
CA PHE A 276 10.70 10.08 -4.21
C PHE A 276 11.55 11.32 -3.88
N ASP A 277 12.47 11.17 -2.92
CA ASP A 277 13.23 12.32 -2.44
C ASP A 277 14.09 12.91 -3.55
N GLU A 278 14.80 12.05 -4.26
CA GLU A 278 15.73 12.49 -5.29
C GLU A 278 14.99 13.16 -6.43
N PHE A 279 13.83 12.59 -6.78
CA PHE A 279 13.00 13.15 -7.84
C PHE A 279 12.46 14.52 -7.44
N ASN A 280 11.99 14.64 -6.21
CA ASN A 280 11.45 15.93 -5.76
C ASN A 280 12.54 16.99 -5.81
N LYS A 281 13.73 16.63 -5.35
CA LYS A 281 14.83 17.59 -5.31
C LYS A 281 15.31 18.03 -6.68
N LEU A 282 15.43 17.09 -7.61
CA LEU A 282 15.80 17.42 -8.99
C LEU A 282 14.79 18.37 -9.59
N THR A 283 13.53 18.03 -9.41
CA THR A 283 12.44 18.82 -9.95
C THR A 283 12.43 20.23 -9.39
N ILE A 284 12.56 20.34 -8.07
CA ILE A 284 12.56 21.65 -7.44
C ILE A 284 13.71 22.51 -7.93
N GLU A 285 14.90 21.92 -8.02
CA GLU A 285 16.07 22.66 -8.47
C GLU A 285 15.92 23.07 -9.93
N PHE A 286 15.43 22.16 -10.75
CA PHE A 286 15.34 22.43 -12.19
C PHE A 286 14.32 23.53 -12.48
N LEU A 287 13.22 23.52 -11.75
CA LEU A 287 12.17 24.49 -11.98
C LEU A 287 12.47 25.84 -11.32
N GLY A 288 13.62 25.88 -10.64
CA GLY A 288 14.12 27.11 -10.08
C GLY A 288 13.55 27.58 -8.75
N GLY A 289 13.50 26.67 -7.79
CA GLY A 289 12.95 26.96 -6.48
C GLY A 289 13.91 26.60 -5.36
N LEU B 7 -1.36 -19.11 -4.08
CA LEU B 7 -1.89 -18.74 -2.77
C LEU B 7 -2.60 -17.40 -2.78
N THR B 8 -3.92 -17.43 -2.65
CA THR B 8 -4.72 -16.22 -2.62
C THR B 8 -5.60 -16.24 -1.40
N PHE B 9 -6.20 -15.10 -1.11
CA PHE B 9 -7.14 -14.99 0.01
C PHE B 9 -8.20 -16.06 -0.16
N GLU B 10 -8.75 -16.13 -1.35
CA GLU B 10 -9.86 -17.04 -1.63
C GLU B 10 -9.46 -18.50 -1.61
N SER B 11 -8.28 -18.83 -2.14
CA SER B 11 -7.86 -20.22 -2.26
C SER B 11 -7.53 -20.84 -0.90
N THR B 12 -7.08 -20.00 0.04
CA THR B 12 -6.69 -20.48 1.36
C THR B 12 -7.81 -20.37 2.39
N SER B 13 -8.87 -19.64 2.02
CA SER B 13 -9.98 -19.37 2.94
C SER B 13 -10.70 -20.64 3.44
N ARG B 14 -10.90 -20.74 4.74
CA ARG B 14 -11.63 -21.84 5.35
C ARG B 14 -12.53 -21.29 6.45
N PHE B 15 -13.58 -22.02 6.79
CA PHE B 15 -14.44 -21.67 7.91
C PHE B 15 -14.66 -22.88 8.79
N ALA B 16 -14.78 -22.67 10.10
CA ALA B 16 -15.13 -23.73 11.04
C ALA B 16 -16.12 -23.18 12.06
N GLU B 17 -17.07 -24.00 12.49
CA GLU B 17 -17.93 -23.58 13.60
C GLU B 17 -17.50 -24.32 14.86
N VAL B 18 -17.13 -23.56 15.89
CA VAL B 18 -16.75 -24.20 17.13
C VAL B 18 -17.76 -23.84 18.20
N ASP B 19 -17.60 -24.43 19.38
CA ASP B 19 -18.51 -24.19 20.48
C ASP B 19 -17.86 -23.36 21.56
N VAL B 20 -18.24 -22.10 21.63
CA VAL B 20 -17.78 -21.24 22.70
C VAL B 20 -19.03 -20.59 23.30
N ASP B 21 -19.67 -21.33 24.20
CA ASP B 21 -20.91 -20.87 24.79
C ASP B 21 -21.90 -20.73 23.65
N GLY B 22 -21.91 -21.73 22.78
CA GLY B 22 -22.75 -21.69 21.60
C GLY B 22 -21.92 -21.58 20.34
N PRO B 23 -22.55 -21.70 19.18
CA PRO B 23 -21.84 -21.62 17.90
C PRO B 23 -20.99 -20.38 17.79
N LEU B 24 -19.92 -20.46 17.22
N LEU B 24 -19.90 -20.46 17.22
CA LEU B 24 -19.05 -19.35 16.90
CA LEU B 24 -19.03 -19.34 16.93
C LEU B 24 -18.34 -19.73 15.64
C LEU B 24 -18.30 -19.71 15.65
N LYS B 25 -18.47 -19.00 14.69
CA LYS B 25 -17.84 -19.23 13.39
C LYS B 25 -16.49 -18.55 13.28
N LEU B 26 -15.48 -19.33 12.91
CA LEU B 26 -14.12 -18.84 12.75
C LEU B 26 -13.68 -18.94 11.31
N HIS B 27 -13.02 -17.90 10.81
CA HIS B 27 -12.49 -17.91 9.50
C HIS B 27 -10.96 -18.07 9.64
N TYR B 28 -10.36 -18.83 8.77
CA TYR B 28 -8.92 -19.01 8.79
C TYR B 28 -8.41 -19.24 7.41
N HIS B 29 -7.09 -19.20 7.25
CA HIS B 29 -6.43 -19.49 5.99
C HIS B 29 -5.53 -20.66 6.19
N GLU B 30 -5.58 -21.58 5.24
CA GLU B 30 -4.77 -22.79 5.31
C GLU B 30 -3.86 -22.89 4.11
N ALA B 31 -2.59 -23.17 4.35
CA ALA B 31 -1.64 -23.33 3.28
C ALA B 31 -0.61 -24.36 3.70
N GLY B 32 0.21 -24.79 2.76
CA GLY B 32 1.25 -25.75 3.07
C GLY B 32 0.69 -27.12 3.46
N VAL B 33 -0.51 -27.41 2.97
CA VAL B 33 -1.09 -28.71 3.22
C VAL B 33 -0.11 -29.73 2.65
N GLY B 34 0.12 -30.81 3.37
CA GLY B 34 1.08 -31.79 2.92
C GLY B 34 2.39 -31.68 3.66
N ASN B 35 2.58 -30.56 4.35
CA ASN B 35 3.78 -30.41 5.17
C ASN B 35 3.53 -31.08 6.51
N ASP B 36 4.56 -31.67 7.07
CA ASP B 36 4.44 -32.47 8.28
C ASP B 36 4.09 -31.69 9.56
N GLN B 37 4.71 -30.54 9.74
CA GLN B 37 4.45 -29.79 10.96
C GLN B 37 3.51 -28.63 10.74
N THR B 38 2.45 -28.64 11.51
CA THR B 38 1.45 -27.57 11.52
C THR B 38 1.94 -26.43 12.41
N VAL B 39 1.69 -25.20 11.97
N VAL B 39 1.69 -25.20 11.97
CA VAL B 39 1.94 -24.00 12.77
CA VAL B 39 1.93 -24.01 12.79
C VAL B 39 0.69 -23.12 12.69
C VAL B 39 0.72 -23.09 12.68
N VAL B 40 0.34 -22.49 13.80
CA VAL B 40 -0.80 -21.61 13.86
C VAL B 40 -0.35 -20.16 14.00
N LEU B 41 -0.88 -19.28 13.17
CA LEU B 41 -0.55 -17.87 13.20
C LEU B 41 -1.72 -17.07 13.74
N LEU B 42 -1.45 -16.15 14.67
CA LEU B 42 -2.49 -15.32 15.26
C LEU B 42 -2.11 -13.86 15.14
N HIS B 43 -2.91 -13.11 14.38
CA HIS B 43 -2.67 -11.71 14.06
C HIS B 43 -2.90 -10.75 15.21
N GLY B 44 -2.48 -9.51 15.01
CA GLY B 44 -2.69 -8.47 16.02
C GLY B 44 -4.10 -7.86 16.05
N GLY B 45 -4.33 -6.93 16.96
CA GLY B 45 -5.66 -6.38 17.14
C GLY B 45 -5.99 -4.99 16.63
N GLY B 46 -5.19 -4.48 15.71
CA GLY B 46 -5.44 -3.16 15.16
C GLY B 46 -6.73 -3.13 14.36
N PRO B 47 -7.26 -1.93 14.15
CA PRO B 47 -8.50 -1.75 13.39
C PRO B 47 -8.34 -2.30 11.98
N GLY B 48 -9.19 -3.23 11.60
CA GLY B 48 -9.11 -3.80 10.26
C GLY B 48 -8.05 -4.87 10.11
N ALA B 49 -7.39 -5.23 11.20
CA ALA B 49 -6.40 -6.30 11.13
C ALA B 49 -7.08 -7.65 10.98
N ALA B 50 -6.41 -8.55 10.28
CA ALA B 50 -6.89 -9.92 10.10
C ALA B 50 -5.71 -10.78 9.68
N SER B 51 -5.92 -12.08 9.53
CA SER B 51 -4.81 -12.97 9.19
C SER B 51 -4.15 -12.59 7.89
N TRP B 52 -4.96 -12.39 6.85
CA TRP B 52 -4.40 -12.14 5.53
C TRP B 52 -3.69 -10.79 5.48
N THR B 53 -4.30 -9.78 6.03
CA THR B 53 -3.68 -8.45 6.00
C THR B 53 -2.37 -8.39 6.80
N ASN B 54 -2.34 -9.06 7.95
CA ASN B 54 -1.17 -9.09 8.82
C ASN B 54 0.00 -9.94 8.31
N PHE B 55 -0.32 -11.07 7.70
CA PHE B 55 0.63 -12.11 7.39
C PHE B 55 0.65 -12.63 5.96
N SER B 56 -0.23 -12.17 5.08
CA SER B 56 -0.30 -12.80 3.77
C SER B 56 1.04 -13.21 3.16
N ARG B 57 1.96 -12.26 3.12
CA ARG B 57 3.29 -12.50 2.58
C ARG B 57 4.11 -13.52 3.40
N ASN B 58 4.06 -13.43 4.73
CA ASN B 58 4.75 -14.39 5.55
C ASN B 58 4.16 -15.78 5.36
N ILE B 59 2.86 -15.82 5.19
CA ILE B 59 2.14 -17.09 4.99
C ILE B 59 2.74 -17.85 3.80
N ALA B 60 2.94 -17.15 2.68
CA ALA B 60 3.52 -17.79 1.50
C ALA B 60 4.88 -18.41 1.80
N VAL B 61 5.72 -17.69 2.55
CA VAL B 61 7.06 -18.18 2.85
C VAL B 61 7.00 -19.36 3.82
N LEU B 62 6.24 -19.21 4.91
CA LEU B 62 6.16 -20.27 5.91
C LEU B 62 5.53 -21.56 5.38
N ALA B 63 4.65 -21.40 4.39
CA ALA B 63 3.92 -22.53 3.81
C ALA B 63 4.86 -23.41 2.98
N ARG B 64 6.06 -22.93 2.71
CA ARG B 64 7.07 -23.76 2.06
C ARG B 64 7.60 -24.80 3.03
N HIS B 65 7.49 -24.52 4.32
CA HIS B 65 8.10 -25.33 5.35
C HIS B 65 7.09 -26.04 6.23
N PHE B 66 5.96 -25.38 6.44
CA PHE B 66 4.99 -25.82 7.43
C PHE B 66 3.58 -25.91 6.85
N HIS B 67 2.72 -26.61 7.56
CA HIS B 67 1.30 -26.56 7.29
C HIS B 67 0.78 -25.39 8.10
N VAL B 68 0.39 -24.34 7.41
CA VAL B 68 0.07 -23.07 8.07
C VAL B 68 -1.43 -22.89 8.25
N LEU B 69 -1.83 -22.60 9.48
CA LEU B 69 -3.21 -22.21 9.76
C LEU B 69 -3.19 -20.82 10.38
N ALA B 70 -3.58 -19.83 9.58
CA ALA B 70 -3.65 -18.45 10.07
C ALA B 70 -5.10 -18.12 10.40
N VAL B 71 -5.37 -17.94 11.68
CA VAL B 71 -6.73 -17.84 12.17
C VAL B 71 -7.16 -16.41 12.46
N ASP B 72 -8.29 -16.00 11.88
CA ASP B 72 -8.88 -14.71 12.20
C ASP B 72 -9.47 -14.84 13.59
N GLN B 73 -8.97 -14.04 14.53
CA GLN B 73 -9.43 -14.18 15.89
C GLN B 73 -10.86 -13.66 15.95
N PRO B 74 -11.65 -14.18 16.89
CA PRO B 74 -13.02 -13.67 16.99
C PRO B 74 -12.97 -12.16 17.09
N GLY B 75 -13.86 -11.47 16.38
CA GLY B 75 -13.90 -10.03 16.36
C GLY B 75 -13.16 -9.44 15.17
N TYR B 76 -12.48 -10.27 14.40
CA TYR B 76 -11.62 -9.80 13.32
C TYR B 76 -11.85 -10.56 12.04
N GLY B 77 -11.51 -9.93 10.93
CA GLY B 77 -11.53 -10.58 9.64
C GLY B 77 -12.93 -11.06 9.32
N HIS B 78 -13.05 -12.36 9.03
CA HIS B 78 -14.35 -12.93 8.73
C HIS B 78 -14.83 -13.89 9.80
N SER B 79 -14.21 -13.84 10.99
CA SER B 79 -14.72 -14.60 12.11
C SER B 79 -15.88 -13.84 12.76
N ASP B 80 -16.70 -14.56 13.53
CA ASP B 80 -17.84 -13.93 14.19
C ASP B 80 -17.38 -12.75 15.04
N LYS B 81 -18.20 -11.70 15.06
CA LYS B 81 -17.85 -10.49 15.79
C LYS B 81 -18.93 -10.21 16.84
N ARG B 82 -18.88 -10.98 17.92
CA ARG B 82 -19.83 -10.88 19.01
C ARG B 82 -19.63 -9.57 19.74
N ALA B 83 -20.69 -9.03 20.32
CA ALA B 83 -20.57 -7.78 21.05
C ALA B 83 -20.31 -8.03 22.53
N GLU B 84 -20.51 -9.28 22.96
CA GLU B 84 -20.33 -9.65 24.35
C GLU B 84 -19.42 -10.86 24.49
N HIS B 85 -18.46 -10.77 25.41
CA HIS B 85 -17.54 -11.87 25.67
C HIS B 85 -16.64 -11.56 26.87
N GLY B 86 -15.91 -12.56 27.33
CA GLY B 86 -15.05 -12.42 28.49
C GLY B 86 -13.70 -11.82 28.10
N GLN B 87 -12.72 -11.90 29.00
CA GLN B 87 -11.40 -11.36 28.70
C GLN B 87 -11.01 -11.87 27.32
N PHE B 88 -10.60 -10.98 26.44
CA PHE B 88 -10.47 -11.34 25.04
C PHE B 88 -9.55 -12.54 24.77
N ASN B 89 -8.39 -12.57 25.39
CA ASN B 89 -7.43 -13.64 25.08
C ASN B 89 -7.95 -15.00 25.55
N ARG B 90 -8.62 -15.03 26.69
CA ARG B 90 -9.21 -16.28 27.15
C ARG B 90 -10.33 -16.73 26.21
N TYR B 91 -11.15 -15.77 25.79
CA TYR B 91 -12.22 -16.01 24.82
C TYR B 91 -11.65 -16.56 23.51
N ALA B 92 -10.67 -15.86 22.95
CA ALA B 92 -10.06 -16.31 21.72
C ALA B 92 -9.34 -17.65 21.88
N ALA B 93 -8.73 -17.89 23.03
CA ALA B 93 -8.06 -19.17 23.29
C ALA B 93 -9.08 -20.31 23.35
N MET B 94 -10.26 -20.03 23.94
CA MET B 94 -11.32 -21.03 23.96
C MET B 94 -11.76 -21.36 22.53
N ALA B 95 -11.87 -20.34 21.69
CA ALA B 95 -12.23 -20.57 20.29
C ALA B 95 -11.15 -21.43 19.62
N LEU B 96 -9.90 -21.09 19.87
CA LEU B 96 -8.79 -21.84 19.31
C LEU B 96 -8.80 -23.29 19.77
N LYS B 97 -9.09 -23.52 21.05
CA LYS B 97 -9.18 -24.89 21.58
C LYS B 97 -10.25 -25.66 20.80
N GLY B 98 -11.38 -25.00 20.58
CA GLY B 98 -12.46 -25.59 19.80
C GLY B 98 -11.99 -25.98 18.42
N LEU B 99 -11.20 -25.11 17.80
CA LEU B 99 -10.68 -25.40 16.47
C LEU B 99 -9.66 -26.54 16.47
N PHE B 100 -8.75 -26.55 17.44
CA PHE B 100 -7.78 -27.65 17.58
C PHE B 100 -8.52 -28.99 17.62
N ASP B 101 -9.54 -29.05 18.46
CA ASP B 101 -10.28 -30.30 18.66
C ASP B 101 -10.99 -30.70 17.37
N GLN B 102 -11.63 -29.73 16.72
CA GLN B 102 -12.34 -30.00 15.48
C GLN B 102 -11.42 -30.47 14.36
N LEU B 103 -10.22 -29.88 14.29
CA LEU B 103 -9.26 -30.24 13.23
C LEU B 103 -8.35 -31.40 13.63
N GLY B 104 -8.49 -31.90 14.85
CA GLY B 104 -7.69 -33.02 15.31
C GLY B 104 -6.23 -32.69 15.56
N LEU B 105 -5.94 -31.43 15.91
CA LEU B 105 -4.57 -31.05 16.24
C LEU B 105 -4.19 -31.50 17.65
N GLY B 106 -2.94 -31.90 17.83
CA GLY B 106 -2.45 -32.30 19.13
C GLY B 106 -1.69 -31.15 19.79
N ARG B 107 -0.37 -31.19 19.67
CA ARG B 107 0.47 -30.12 20.16
C ARG B 107 1.10 -29.34 19.03
N VAL B 108 0.80 -28.06 18.93
CA VAL B 108 1.23 -27.27 17.79
C VAL B 108 1.89 -25.96 18.18
N PRO B 109 2.95 -25.57 17.47
CA PRO B 109 3.61 -24.30 17.76
C PRO B 109 2.73 -23.16 17.31
N LEU B 110 2.85 -22.02 17.99
CA LEU B 110 2.06 -20.86 17.65
C LEU B 110 2.93 -19.64 17.42
N VAL B 111 2.54 -18.85 16.43
CA VAL B 111 3.19 -17.59 16.12
C VAL B 111 2.14 -16.51 16.33
N GLY B 112 2.41 -15.56 17.21
CA GLY B 112 1.45 -14.51 17.47
C GLY B 112 2.04 -13.12 17.56
N ASN B 113 1.33 -12.16 16.97
CA ASN B 113 1.72 -10.77 17.01
C ASN B 113 0.77 -9.99 17.90
N ALA B 114 1.33 -9.19 18.82
CA ALA B 114 0.51 -8.33 19.66
C ALA B 114 -0.65 -9.07 20.35
N LEU B 115 -1.88 -8.66 20.07
CA LEU B 115 -3.04 -9.29 20.70
C LEU B 115 -2.99 -10.81 20.45
N GLY B 116 -2.57 -11.20 19.27
CA GLY B 116 -2.48 -12.61 18.90
C GLY B 116 -1.38 -13.33 19.69
N GLY B 117 -0.33 -12.61 20.04
CA GLY B 117 0.67 -13.17 20.95
C GLY B 117 0.06 -13.41 22.31
N GLY B 118 -0.76 -12.47 22.77
CA GLY B 118 -1.44 -12.63 24.04
C GLY B 118 -2.34 -13.87 24.00
N THR B 119 -3.03 -14.05 22.89
CA THR B 119 -3.92 -15.20 22.76
C THR B 119 -3.10 -16.51 22.73
N ALA B 120 -1.98 -16.50 22.03
CA ALA B 120 -1.13 -17.70 21.97
C ALA B 120 -0.68 -18.08 23.37
N VAL B 121 -0.29 -17.09 24.16
CA VAL B 121 0.19 -17.35 25.53
C VAL B 121 -0.96 -17.84 26.41
N ARG B 122 -2.11 -17.16 26.33
CA ARG B 122 -3.27 -17.57 27.12
C ARG B 122 -3.62 -19.03 26.82
N PHE B 123 -3.58 -19.38 25.53
CA PHE B 123 -3.83 -20.75 25.09
C PHE B 123 -2.80 -21.73 25.66
N ALA B 124 -1.52 -21.34 25.60
CA ALA B 124 -0.46 -22.19 26.12
C ALA B 124 -0.57 -22.39 27.61
N LEU B 125 -1.18 -21.44 28.30
CA LEU B 125 -1.33 -21.56 29.76
C LEU B 125 -2.58 -22.34 30.13
N ASP B 126 -3.64 -22.14 29.36
CA ASP B 126 -4.95 -22.76 29.66
C ASP B 126 -5.03 -24.20 29.17
N TYR B 127 -4.33 -24.51 28.07
CA TYR B 127 -4.37 -25.85 27.48
C TYR B 127 -2.91 -26.29 27.25
N PRO B 128 -2.18 -26.51 28.34
CA PRO B 128 -0.71 -26.59 28.30
C PRO B 128 -0.21 -27.69 27.38
N ALA B 129 -0.95 -28.78 27.27
CA ALA B 129 -0.51 -29.92 26.48
C ALA B 129 -0.57 -29.61 25.00
N ARG B 130 -1.32 -28.57 24.63
CA ARG B 130 -1.68 -28.34 23.23
C ARG B 130 -0.82 -27.30 22.52
N ALA B 131 -0.06 -26.54 23.27
CA ALA B 131 0.84 -25.54 22.66
C ALA B 131 2.26 -26.05 22.64
N GLY B 132 2.90 -25.98 21.49
CA GLY B 132 4.30 -26.29 21.36
C GLY B 132 5.12 -25.02 21.51
N ARG B 133 6.25 -24.94 20.80
CA ARG B 133 7.07 -23.73 20.85
C ARG B 133 6.27 -22.49 20.48
N LEU B 134 6.59 -21.36 21.11
CA LEU B 134 5.91 -20.11 20.79
C LEU B 134 6.87 -19.13 20.15
N VAL B 135 6.42 -18.45 19.12
CA VAL B 135 7.12 -17.30 18.56
C VAL B 135 6.19 -16.11 18.78
N LEU B 136 6.66 -15.11 19.51
CA LEU B 136 5.78 -14.01 19.90
C LEU B 136 6.39 -12.65 19.53
N MET B 137 5.71 -11.92 18.65
N MET B 137 5.70 -11.92 18.67
CA MET B 137 6.22 -10.64 18.18
CA MET B 137 6.21 -10.66 18.17
C MET B 137 5.52 -9.48 18.87
C MET B 137 5.53 -9.48 18.85
N GLY B 138 6.30 -8.67 19.58
CA GLY B 138 5.74 -7.58 20.33
C GLY B 138 4.42 -7.96 20.96
N PRO B 139 4.40 -9.06 21.69
CA PRO B 139 3.13 -9.64 22.21
C PRO B 139 2.47 -8.83 23.30
N GLY B 140 1.13 -8.82 23.32
CA GLY B 140 0.40 -8.31 24.44
C GLY B 140 0.29 -9.42 25.49
N GLY B 141 -0.33 -9.13 26.63
CA GLY B 141 -0.62 -10.16 27.59
C GLY B 141 0.54 -10.51 28.50
N LEU B 142 1.60 -11.09 27.93
CA LEU B 142 2.77 -11.40 28.76
C LEU B 142 3.71 -10.22 28.91
N SER B 143 3.46 -9.15 28.16
CA SER B 143 4.25 -7.95 28.29
C SER B 143 3.72 -7.10 29.42
N ILE B 144 4.62 -6.48 30.16
CA ILE B 144 4.26 -5.47 31.13
C ILE B 144 5.33 -4.38 31.00
N ASN B 145 4.90 -3.18 30.64
CA ASN B 145 5.83 -2.08 30.31
C ASN B 145 6.44 -1.45 31.55
N LEU B 146 7.57 -1.98 31.98
CA LEU B 146 8.19 -1.57 33.22
C LEU B 146 8.55 -0.10 33.26
N PHE B 147 8.82 0.48 32.09
CA PHE B 147 9.22 1.87 32.03
C PHE B 147 8.23 2.77 31.32
N ALA B 148 7.63 2.30 30.23
CA ALA B 148 6.69 3.13 29.48
C ALA B 148 5.35 3.34 30.18
N PRO B 149 4.92 4.59 30.30
CA PRO B 149 3.62 4.87 30.91
C PRO B 149 2.47 4.29 30.07
N ASP B 150 1.50 3.66 30.71
CA ASP B 150 0.33 3.11 30.02
C ASP B 150 -0.86 4.07 30.16
N PRO B 151 -1.69 4.19 29.12
CA PRO B 151 -1.55 3.55 27.82
C PRO B 151 -0.44 4.16 27.01
N THR B 152 0.24 3.33 26.21
CA THR B 152 1.25 3.81 25.29
C THR B 152 0.61 4.57 24.12
N GLU B 153 1.43 5.30 23.37
CA GLU B 153 0.86 6.04 22.24
C GLU B 153 0.13 5.15 21.25
N GLY B 154 0.62 3.93 20.99
CA GLY B 154 -0.08 3.00 20.14
C GLY B 154 -1.45 2.67 20.68
N VAL B 155 -1.52 2.36 21.97
CA VAL B 155 -2.79 1.99 22.56
C VAL B 155 -3.73 3.20 22.54
N LYS B 156 -3.17 4.37 22.81
CA LYS B 156 -4.00 5.58 22.80
C LYS B 156 -4.60 5.83 21.41
N ARG B 157 -3.79 5.67 20.38
CA ARG B 157 -4.26 5.92 19.02
C ARG B 157 -5.31 4.90 18.58
N LEU B 158 -5.18 3.65 19.06
CA LEU B 158 -6.18 2.64 18.78
C LEU B 158 -7.51 3.03 19.46
N SER B 159 -7.43 3.42 20.73
CA SER B 159 -8.61 3.85 21.45
C SER B 159 -9.27 5.05 20.79
N LYS B 160 -8.47 6.02 20.38
CA LYS B 160 -8.99 7.23 19.74
C LYS B 160 -9.77 6.89 18.47
N PHE B 161 -9.22 6.01 17.65
CA PHE B 161 -9.94 5.61 16.44
C PHE B 161 -11.26 4.92 16.80
N SER B 162 -11.25 4.08 17.83
CA SER B 162 -12.45 3.32 18.17
C SER B 162 -13.56 4.27 18.60
N VAL B 163 -13.18 5.44 19.11
CA VAL B 163 -14.14 6.44 19.58
C VAL B 163 -14.52 7.40 18.44
N ALA B 164 -13.58 7.66 17.55
CA ALA B 164 -13.76 8.60 16.45
C ALA B 164 -13.14 8.00 15.20
N PRO B 165 -13.87 7.08 14.56
CA PRO B 165 -13.37 6.27 13.44
C PRO B 165 -13.26 7.08 12.16
N THR B 166 -12.28 7.97 12.09
CA THR B 166 -12.01 8.74 10.90
C THR B 166 -10.75 8.23 10.20
N ARG B 167 -10.65 8.52 8.91
CA ARG B 167 -9.46 8.14 8.15
C ARG B 167 -8.22 8.77 8.79
N GLU B 168 -8.34 10.03 9.21
CA GLU B 168 -7.23 10.72 9.85
C GLU B 168 -6.74 9.98 11.11
N ASN B 169 -7.68 9.49 11.92
CA ASN B 169 -7.30 8.79 13.14
C ASN B 169 -6.74 7.41 12.84
N LEU B 170 -7.23 6.80 11.79
CA LEU B 170 -6.69 5.50 11.42
C LEU B 170 -5.25 5.66 10.93
N GLU B 171 -5.01 6.66 10.09
CA GLU B 171 -3.67 6.88 9.59
C GLU B 171 -2.74 7.18 10.76
N ALA B 172 -3.21 7.98 11.72
CA ALA B 172 -2.40 8.25 12.92
C ALA B 172 -1.97 6.97 13.66
N PHE B 173 -2.90 6.06 13.84
CA PHE B 173 -2.60 4.77 14.45
C PHE B 173 -1.58 3.98 13.63
N LEU B 174 -1.80 3.87 12.33
CA LEU B 174 -0.88 3.09 11.51
C LEU B 174 0.54 3.64 11.53
N ARG B 175 0.66 4.95 11.62
CA ARG B 175 1.99 5.57 11.62
C ARG B 175 2.84 5.18 12.82
N VAL B 176 2.21 4.82 13.94
CA VAL B 176 3.00 4.33 15.09
C VAL B 176 3.14 2.81 15.13
N MET B 177 2.76 2.14 14.05
CA MET B 177 2.99 0.70 13.93
C MET B 177 4.36 0.36 13.34
N VAL B 178 5.01 1.36 12.74
CA VAL B 178 6.20 1.12 11.97
C VAL B 178 7.27 2.16 12.26
N TYR B 179 8.53 1.76 12.04
CA TYR B 179 9.66 2.67 12.12
C TYR B 179 9.73 3.51 10.83
N ASP B 180 9.60 2.85 9.69
CA ASP B 180 9.61 3.56 8.39
C ASP B 180 8.20 3.98 8.01
N LYS B 181 7.88 5.24 8.24
CA LYS B 181 6.51 5.71 8.07
C LYS B 181 6.11 5.76 6.59
N ASN B 182 7.09 5.63 5.70
CA ASN B 182 6.82 5.58 4.26
C ASN B 182 5.99 4.35 3.92
N LEU B 183 5.92 3.39 4.83
CA LEU B 183 5.16 2.18 4.62
C LEU B 183 3.67 2.45 4.72
N ILE B 184 3.31 3.54 5.36
CA ILE B 184 1.90 3.85 5.54
C ILE B 184 1.40 4.68 4.36
N THR B 185 1.02 3.97 3.30
CA THR B 185 0.56 4.58 2.07
C THR B 185 -0.92 4.93 2.08
N PRO B 186 -1.34 5.81 1.17
CA PRO B 186 -2.75 6.16 1.10
C PRO B 186 -3.61 4.93 0.88
N GLU B 187 -3.11 3.98 0.08
CA GLU B 187 -3.83 2.75 -0.23
C GLU B 187 -4.01 1.88 1.00
N LEU B 188 -2.97 1.77 1.82
CA LEU B 188 -3.08 0.98 3.03
C LEU B 188 -4.10 1.60 3.96
N VAL B 189 -4.02 2.92 4.11
CA VAL B 189 -4.95 3.63 4.97
C VAL B 189 -6.39 3.42 4.48
N ASP B 190 -6.61 3.64 3.19
CA ASP B 190 -7.94 3.51 2.60
C ASP B 190 -8.47 2.10 2.77
N GLN B 191 -7.65 1.12 2.45
CA GLN B 191 -8.06 -0.26 2.57
C GLN B 191 -8.28 -0.74 3.98
N ARG B 192 -7.41 -0.28 4.92
N ARG B 192 -7.48 -0.30 4.93
CA ARG B 192 -7.68 -0.63 6.30
CA ARG B 192 -7.75 -0.65 6.28
C ARG B 192 -8.89 0.15 6.81
C ARG B 192 -8.93 0.17 6.80
N PHE B 193 -9.00 1.42 6.42
CA PHE B 193 -10.14 2.21 6.87
C PHE B 193 -11.47 1.58 6.46
N ALA B 194 -11.53 1.14 5.21
CA ALA B 194 -12.73 0.47 4.71
C ALA B 194 -13.08 -0.72 5.60
N LEU B 195 -12.08 -1.47 6.02
CA LEU B 195 -12.29 -2.64 6.87
C LEU B 195 -12.59 -2.25 8.32
N ALA B 196 -11.84 -1.29 8.83
CA ALA B 196 -11.91 -0.94 10.25
C ALA B 196 -13.19 -0.20 10.61
N SER B 197 -13.74 0.54 9.66
CA SER B 197 -14.86 1.43 9.96
C SER B 197 -16.25 0.82 9.75
N THR B 198 -16.36 -0.49 9.57
CA THR B 198 -17.69 -1.12 9.53
C THR B 198 -18.33 -1.17 10.92
N PRO B 199 -19.64 -1.38 10.94
CA PRO B 199 -20.40 -1.43 12.20
C PRO B 199 -19.98 -2.54 13.14
N GLU B 200 -20.03 -3.79 12.67
CA GLU B 200 -19.66 -4.92 13.49
C GLU B 200 -18.18 -4.84 13.93
N SER B 201 -17.36 -4.24 13.08
CA SER B 201 -15.92 -4.11 13.37
C SER B 201 -15.68 -3.14 14.51
N LEU B 202 -16.34 -1.99 14.46
CA LEU B 202 -16.17 -1.02 15.53
C LEU B 202 -16.72 -1.55 16.83
N THR B 203 -17.83 -2.27 16.77
CA THR B 203 -18.40 -2.89 17.96
C THR B 203 -17.43 -3.90 18.56
N ALA B 204 -16.85 -4.74 17.71
CA ALA B 204 -15.92 -5.75 18.15
C ALA B 204 -14.70 -5.13 18.84
N THR B 205 -14.11 -4.14 18.21
CA THR B 205 -12.93 -3.47 18.75
C THR B 205 -13.21 -2.92 20.13
N ARG B 206 -14.40 -2.37 20.28
CA ARG B 206 -14.81 -1.84 21.57
C ARG B 206 -14.94 -2.92 22.63
N ALA B 207 -15.59 -4.01 22.27
CA ALA B 207 -15.78 -5.12 23.18
C ALA B 207 -14.43 -5.71 23.58
N MET B 208 -13.50 -5.71 22.64
CA MET B 208 -12.16 -6.26 22.89
C MET B 208 -11.47 -5.44 23.97
N GLY B 209 -11.34 -4.14 23.72
CA GLY B 209 -10.67 -3.26 24.66
C GLY B 209 -11.30 -3.33 26.04
N LYS B 210 -12.62 -3.32 26.07
CA LYS B 210 -13.36 -3.37 27.32
C LYS B 210 -13.14 -4.65 28.12
N SER B 211 -13.00 -5.78 27.42
CA SER B 211 -12.86 -7.07 28.09
C SER B 211 -11.60 -7.19 28.94
N PHE B 212 -10.65 -6.29 28.77
CA PHE B 212 -9.43 -6.33 29.56
C PHE B 212 -9.67 -5.78 30.96
N ALA B 213 -10.83 -5.17 31.17
CA ALA B 213 -11.14 -4.58 32.47
C ALA B 213 -12.35 -5.23 33.14
N GLY B 214 -12.75 -6.40 32.63
CA GLY B 214 -13.88 -7.14 33.18
C GLY B 214 -13.49 -7.93 34.41
N ALA B 215 -14.40 -8.76 34.90
CA ALA B 215 -14.17 -9.49 36.16
C ALA B 215 -13.00 -10.47 36.13
N ASP B 216 -12.70 -10.97 34.97
N ASP B 216 -12.69 -10.98 34.97
CA ASP B 216 -11.60 -11.90 34.75
CA ASP B 216 -11.60 -11.92 34.74
C ASP B 216 -10.39 -11.21 34.17
C ASP B 216 -10.38 -11.21 34.16
N PHE B 217 -10.19 -9.97 34.50
CA PHE B 217 -9.10 -9.17 33.96
C PHE B 217 -7.73 -9.83 34.22
N GLU B 218 -7.63 -10.61 35.30
CA GLU B 218 -6.34 -11.24 35.65
C GLU B 218 -5.87 -12.16 34.53
N ALA B 219 -6.80 -12.71 33.77
CA ALA B 219 -6.46 -13.57 32.65
C ALA B 219 -5.61 -12.83 31.64
N GLY B 220 -5.70 -11.51 31.60
CA GLY B 220 -4.91 -10.74 30.66
C GLY B 220 -3.51 -10.41 31.15
N MET B 221 -3.25 -10.63 32.43
CA MET B 221 -1.98 -10.26 33.03
C MET B 221 -1.05 -11.46 33.05
N MET B 222 -0.75 -11.95 31.87
CA MET B 222 -0.02 -13.20 31.71
C MET B 222 1.43 -13.20 32.18
N TRP B 223 1.98 -12.01 32.39
CA TRP B 223 3.35 -11.90 32.90
C TRP B 223 3.44 -12.51 34.29
N ARG B 224 2.28 -12.73 34.91
CA ARG B 224 2.23 -13.34 36.24
C ARG B 224 2.32 -14.86 36.19
N GLU B 225 2.09 -15.41 35.00
CA GLU B 225 1.96 -16.84 34.86
C GLU B 225 2.96 -17.54 33.95
N VAL B 226 3.67 -16.78 33.12
CA VAL B 226 4.51 -17.43 32.12
C VAL B 226 5.72 -18.19 32.66
N TYR B 227 6.03 -18.01 33.94
CA TYR B 227 7.08 -18.82 34.55
C TYR B 227 6.69 -20.30 34.50
N ARG B 228 5.42 -20.57 34.20
CA ARG B 228 4.95 -21.94 34.15
C ARG B 228 5.14 -22.56 32.77
N LEU B 229 5.46 -21.78 31.78
CA LEU B 229 5.63 -22.30 30.43
C LEU B 229 6.88 -23.19 30.37
N ARG B 230 6.72 -24.39 29.82
CA ARG B 230 7.82 -25.33 29.74
C ARG B 230 8.51 -25.39 28.39
N GLN B 231 7.87 -24.83 27.37
CA GLN B 231 8.42 -24.90 26.03
C GLN B 231 9.40 -23.77 25.75
N PRO B 232 10.29 -23.96 24.76
CA PRO B 232 11.08 -22.82 24.27
C PRO B 232 10.13 -21.74 23.75
N VAL B 233 10.47 -20.49 24.03
CA VAL B 233 9.66 -19.36 23.59
C VAL B 233 10.58 -18.32 22.98
N LEU B 234 10.34 -17.96 21.73
CA LEU B 234 11.14 -16.90 21.11
C LEU B 234 10.35 -15.59 21.09
N LEU B 235 10.82 -14.62 21.88
CA LEU B 235 10.24 -13.29 21.88
C LEU B 235 10.95 -12.50 20.80
N ILE B 236 10.19 -11.88 19.91
CA ILE B 236 10.78 -11.04 18.87
C ILE B 236 10.24 -9.62 19.00
N TRP B 237 11.13 -8.64 19.06
CA TRP B 237 10.70 -7.26 19.24
C TRP B 237 11.36 -6.32 18.26
N GLY B 238 10.60 -5.33 17.82
CA GLY B 238 11.16 -4.19 17.12
C GLY B 238 11.66 -3.24 18.19
N ARG B 239 12.90 -2.76 18.06
CA ARG B 239 13.46 -1.88 19.06
C ARG B 239 12.58 -0.63 19.21
N GLU B 240 11.93 -0.22 18.11
CA GLU B 240 11.15 1.03 18.09
C GLU B 240 9.62 0.80 18.20
N ASP B 241 9.23 -0.33 18.76
CA ASP B 241 7.80 -0.65 18.92
C ASP B 241 7.15 0.38 19.83
N ARG B 242 6.13 1.07 19.34
CA ARG B 242 5.48 2.14 20.11
C ARG B 242 4.11 1.72 20.62
N VAL B 243 3.74 0.47 20.38
CA VAL B 243 2.49 -0.07 20.91
C VAL B 243 2.76 -0.88 22.17
N ASN B 244 3.61 -1.89 22.02
CA ASN B 244 4.09 -2.72 23.15
C ASN B 244 5.62 -2.57 23.16
N PRO B 245 6.11 -1.58 23.89
CA PRO B 245 7.54 -1.24 23.78
C PRO B 245 8.45 -2.32 24.37
N LEU B 246 9.73 -2.19 24.04
CA LEU B 246 10.70 -3.22 24.36
C LEU B 246 10.82 -3.52 25.86
N ASP B 247 10.62 -2.52 26.71
CA ASP B 247 10.68 -2.80 28.17
C ASP B 247 9.64 -3.84 28.61
N GLY B 248 8.63 -4.06 27.77
CA GLY B 248 7.58 -5.04 28.06
C GLY B 248 8.07 -6.48 27.94
N ALA B 249 9.27 -6.67 27.40
CA ALA B 249 9.81 -8.01 27.18
C ALA B 249 10.44 -8.63 28.42
N LEU B 250 10.76 -7.79 29.40
CA LEU B 250 11.75 -8.20 30.42
C LEU B 250 11.26 -9.27 31.42
N VAL B 251 10.02 -9.14 31.89
CA VAL B 251 9.53 -10.12 32.84
C VAL B 251 9.44 -11.51 32.19
N ALA B 252 8.94 -11.56 30.96
CA ALA B 252 8.84 -12.83 30.24
C ALA B 252 10.22 -13.42 29.96
N LEU B 253 11.15 -12.58 29.54
CA LEU B 253 12.52 -13.08 29.27
C LEU B 253 13.13 -13.69 30.54
N LYS B 254 12.93 -13.01 31.66
CA LYS B 254 13.49 -13.48 32.92
C LYS B 254 12.84 -14.77 33.42
N THR B 255 11.52 -14.86 33.29
CA THR B 255 10.79 -15.92 34.01
C THR B 255 10.42 -17.15 33.20
N ILE B 256 10.37 -17.03 31.88
CA ILE B 256 10.16 -18.22 31.05
C ILE B 256 11.48 -19.00 30.96
N PRO B 257 11.51 -20.22 31.50
CA PRO B 257 12.81 -20.90 31.63
C PRO B 257 13.57 -21.04 30.31
N ARG B 258 12.88 -21.40 29.25
CA ARG B 258 13.54 -21.60 27.97
C ARG B 258 13.29 -20.47 26.97
N ALA B 259 13.20 -19.26 27.48
CA ALA B 259 13.01 -18.08 26.66
C ALA B 259 14.26 -17.73 25.84
N GLN B 260 14.04 -17.16 24.67
CA GLN B 260 15.04 -16.39 23.95
C GLN B 260 14.40 -15.06 23.55
N LEU B 261 15.22 -14.05 23.28
CA LEU B 261 14.70 -12.77 22.82
C LEU B 261 15.53 -12.35 21.63
N HIS B 262 14.88 -11.90 20.56
CA HIS B 262 15.60 -11.21 19.48
C HIS B 262 15.01 -9.83 19.28
N VAL B 263 15.88 -8.83 19.26
CA VAL B 263 15.44 -7.45 19.05
C VAL B 263 16.07 -6.92 17.78
N PHE B 264 15.25 -6.30 16.92
CA PHE B 264 15.73 -5.66 15.70
C PHE B 264 15.72 -4.16 15.84
N GLY B 265 16.88 -3.52 15.69
CA GLY B 265 16.91 -2.07 15.58
C GLY B 265 16.31 -1.62 14.25
N GLN B 266 15.78 -0.40 14.24
CA GLN B 266 15.16 0.19 13.04
C GLN B 266 13.97 -0.62 12.59
N CYS B 267 13.13 -0.93 13.58
CA CYS B 267 11.97 -1.76 13.36
C CYS B 267 10.90 -1.40 14.37
N GLY B 268 9.68 -1.20 13.91
CA GLY B 268 8.58 -0.90 14.81
C GLY B 268 7.82 -2.14 15.21
N HIS B 269 6.56 -1.93 15.55
CA HIS B 269 5.69 -3.01 16.01
C HIS B 269 5.49 -4.11 14.96
N TRP B 270 5.37 -3.75 13.69
CA TRP B 270 5.16 -4.75 12.65
C TRP B 270 6.46 -5.41 12.19
N VAL B 271 7.06 -6.21 13.07
CA VAL B 271 8.31 -6.90 12.76
C VAL B 271 8.16 -7.77 11.51
N GLN B 272 6.98 -8.38 11.35
CA GLN B 272 6.77 -9.33 10.24
C GLN B 272 6.75 -8.62 8.89
N VAL B 273 6.59 -7.29 8.93
CA VAL B 273 6.61 -6.49 7.71
C VAL B 273 7.96 -5.81 7.54
N GLU B 274 8.40 -5.08 8.57
CA GLU B 274 9.61 -4.28 8.43
C GLU B 274 10.90 -5.09 8.42
N LYS B 275 10.85 -6.27 9.03
CA LYS B 275 12.00 -7.17 9.03
C LYS B 275 11.53 -8.53 8.51
N PHE B 276 10.78 -8.48 7.41
CA PHE B 276 10.17 -9.65 6.79
C PHE B 276 11.11 -10.87 6.68
N ASP B 277 12.23 -10.69 6.00
CA ASP B 277 13.11 -11.82 5.72
C ASP B 277 13.70 -12.37 7.00
N GLU B 278 14.20 -11.49 7.85
CA GLU B 278 14.82 -11.91 9.10
C GLU B 278 13.84 -12.59 10.03
N PHE B 279 12.64 -12.06 10.11
CA PHE B 279 11.59 -12.63 10.94
C PHE B 279 11.24 -14.03 10.45
N ASN B 280 11.03 -14.16 9.16
CA ASN B 280 10.70 -15.47 8.59
C ASN B 280 11.78 -16.50 8.89
N LYS B 281 13.05 -16.11 8.76
CA LYS B 281 14.15 -17.02 8.98
C LYS B 281 14.26 -17.48 10.43
N LEU B 282 14.16 -16.53 11.35
CA LEU B 282 14.19 -16.85 12.76
C LEU B 282 13.09 -17.82 13.10
N THR B 283 11.89 -17.52 12.61
CA THR B 283 10.73 -18.35 12.86
C THR B 283 10.91 -19.76 12.29
N ILE B 284 11.37 -19.85 11.06
CA ILE B 284 11.59 -21.16 10.47
C ILE B 284 12.62 -21.99 11.24
N GLU B 285 13.74 -21.37 11.56
CA GLU B 285 14.78 -22.05 12.31
C GLU B 285 14.27 -22.47 13.68
N PHE B 286 13.61 -21.57 14.38
CA PHE B 286 13.15 -21.85 15.73
C PHE B 286 12.13 -22.98 15.80
N LEU B 287 11.28 -23.07 14.79
CA LEU B 287 10.24 -24.08 14.77
C LEU B 287 10.73 -25.39 14.17
N GLY B 288 12.03 -25.45 13.89
CA GLY B 288 12.68 -26.66 13.43
C GLY B 288 12.55 -26.89 11.95
N GLY B 289 12.20 -25.85 11.22
CA GLY B 289 12.10 -25.93 9.77
C GLY B 289 13.38 -25.51 9.09
#